data_8PGV
#
_entry.id   8PGV
#
_cell.length_a   39.530
_cell.length_b   68.050
_cell.length_c   40.300
_cell.angle_alpha   90.000
_cell.angle_beta   93.810
_cell.angle_gamma   90.000
#
_symmetry.space_group_name_H-M   'P 1 21 1'
#
loop_
_entity.id
_entity.type
_entity.pdbx_description
1 polymer 'Beta-lactamase VIM-1'
2 non-polymer 'ZINC ION'
3 non-polymer '7-[(1~{S})-1-[2-(aminomethyl)-6-oxidanylidene-5-oxa-7-azaspiro[3.4]octan-7-yl]ethyl]-3-[3-fluoranyl-4-(oxetan-3-ylsulfonylamino)phenyl]-1~{H}-indole-2-carboxylic acid'
4 water water
#
_entity_poly.entity_id   1
_entity_poly.type   'polypeptide(L)'
_entity_poly.pdbx_seq_one_letter_code
;MLKVISSLLVYMTASVMAVASPLAHSGEPSGEYPTVNEIPVGEVRLYQIADGVWSHIATQSFDGAVYPSNGLIVRDGDEL
LLIDTAWGAKNTAALLAEIEKQIGLPVTRAVSTHFHDDRVGGVDVLRAAGVATYASPSTRRLAEAEGNEIPTHSLEGLSS
SGDAVRFGPVELFYPGAAHSTDNLVVYVPSANVLYGGCAVHELSSTSAGNVADADLAEWPTSVERIQKHYPEAEVVIPGH
GLPGGLDLLQHTANVVKAHKNRSVAE
;
_entity_poly.pdbx_strand_id   A
#
loop_
_chem_comp.id
_chem_comp.type
_chem_comp.name
_chem_comp.formula
YRT non-polymer '7-[(1~{S})-1-[2-(aminomethyl)-6-oxidanylidene-5-oxa-7-azaspiro[3.4]octan-7-yl]ethyl]-3-[3-fluoranyl-4-(oxetan-3-ylsulfonylamino)phenyl]-1~{H}-indole-2-carboxylic acid' 'C27 H29 F N4 O7 S'
ZN non-polymer 'ZINC ION' 'Zn 2'
#
# COMPACT_ATOMS: atom_id res chain seq x y z
N SER A 30 17.34 -16.72 1.03
N SER A 30 17.27 -13.96 1.65
CA SER A 30 16.18 -17.37 0.43
CA SER A 30 17.93 -14.69 0.55
C SER A 30 15.65 -16.62 -0.82
C SER A 30 16.97 -14.95 -0.64
N GLY A 31 15.82 -15.29 -0.92
N GLY A 31 16.09 -14.00 -0.95
CA GLY A 31 15.20 -14.51 -2.00
CA GLY A 31 15.19 -14.14 -2.09
C GLY A 31 13.72 -14.52 -1.81
C GLY A 31 13.70 -14.45 -1.81
N GLU A 32 13.30 -15.02 -0.67
CA GLU A 32 11.89 -15.18 -0.37
C GLU A 32 11.28 -13.85 0.03
N TYR A 33 9.96 -13.73 -0.01
CA TYR A 33 9.35 -12.48 0.40
C TYR A 33 9.57 -12.29 1.89
N PRO A 34 10.02 -11.13 2.32
CA PRO A 34 10.39 -10.99 3.72
C PRO A 34 9.20 -10.88 4.62
N THR A 35 9.25 -11.57 5.79
N THR A 35 9.59 -11.10 5.84
CA THR A 35 8.12 -11.73 6.74
CA THR A 35 8.71 -11.01 6.93
C THR A 35 8.31 -11.00 8.07
C THR A 35 9.45 -10.30 8.05
N VAL A 36 7.25 -10.87 8.92
N VAL A 36 8.69 -10.12 9.11
CA VAL A 36 7.30 -9.96 10.09
CA VAL A 36 9.21 -9.51 10.32
C VAL A 36 8.50 -10.26 11.00
C VAL A 36 10.44 -10.23 10.81
N ASN A 37 8.73 -11.53 11.34
N ASN A 37 10.54 -11.54 10.57
CA ASN A 37 9.83 -11.81 12.28
CA ASN A 37 11.69 -12.25 11.10
C ASN A 37 11.20 -11.67 11.62
C ASN A 37 12.97 -11.96 10.32
N GLU A 38 11.25 -11.45 10.33
N GLU A 38 12.91 -11.37 9.14
CA GLU A 38 12.52 -11.30 9.63
CA GLU A 38 14.11 -11.15 8.32
C GLU A 38 12.98 -9.85 9.46
C GLU A 38 14.44 -9.69 8.05
N ILE A 39 12.15 -8.86 9.86
N ILE A 39 13.72 -8.78 8.69
CA ILE A 39 12.46 -7.44 9.65
CA ILE A 39 13.97 -7.34 8.57
C ILE A 39 12.37 -6.72 11.00
C ILE A 39 14.63 -6.94 9.88
N PRO A 40 13.47 -6.34 11.63
N PRO A 40 15.90 -6.56 9.88
CA PRO A 40 13.36 -5.57 12.88
CA PRO A 40 16.52 -6.14 11.14
C PRO A 40 12.66 -4.26 12.61
C PRO A 40 15.79 -4.94 11.73
N VAL A 41 11.95 -3.76 13.60
N VAL A 41 15.89 -4.81 13.05
CA VAL A 41 11.28 -2.48 13.47
CA VAL A 41 15.15 -3.76 13.77
C VAL A 41 12.36 -1.43 13.27
C VAL A 41 15.35 -2.37 13.14
N GLY A 42 12.19 -0.62 12.25
N GLY A 42 14.23 -1.68 12.86
CA GLY A 42 13.20 0.36 11.86
CA GLY A 42 14.16 -0.34 12.30
C GLY A 42 14.01 0.06 10.60
C GLY A 42 14.53 -0.25 10.84
N GLU A 43 14.01 -1.18 10.12
N GLU A 43 14.38 -1.34 10.12
CA GLU A 43 14.72 -1.54 8.91
CA GLU A 43 14.94 -1.51 8.81
C GLU A 43 13.73 -1.71 7.79
C GLU A 43 13.81 -1.66 7.79
N VAL A 44 14.19 -1.55 6.54
CA VAL A 44 13.30 -1.73 5.40
C VAL A 44 13.95 -2.64 4.38
N ARG A 45 13.11 -3.50 3.79
N ARG A 45 13.15 -3.50 3.78
CA ARG A 45 13.50 -4.37 2.70
CA ARG A 45 13.66 -4.32 2.69
C ARG A 45 12.78 -3.98 1.43
C ARG A 45 12.82 -4.06 1.45
N LEU A 46 13.44 -4.18 0.29
CA LEU A 46 12.79 -4.08 -1.00
C LEU A 46 12.72 -5.47 -1.64
N TYR A 47 11.71 -5.68 -2.47
CA TYR A 47 11.54 -6.95 -3.17
C TYR A 47 11.18 -6.65 -4.61
N GLN A 48 11.95 -7.20 -5.53
CA GLN A 48 11.66 -6.95 -6.93
C GLN A 48 10.43 -7.75 -7.38
N ILE A 49 9.42 -7.05 -7.87
CA ILE A 49 8.18 -7.66 -8.32
C ILE A 49 8.21 -7.92 -9.80
N ALA A 50 8.68 -6.96 -10.58
CA ALA A 50 8.72 -7.04 -12.03
C ALA A 50 9.72 -5.99 -12.48
N ASP A 51 9.98 -5.91 -13.78
CA ASP A 51 10.88 -4.88 -14.29
CA ASP A 51 10.89 -4.89 -14.27
C ASP A 51 10.36 -3.50 -13.90
N GLY A 52 11.16 -2.74 -13.16
CA GLY A 52 10.78 -1.43 -12.72
C GLY A 52 9.70 -1.37 -11.66
N VAL A 53 9.42 -2.46 -10.94
CA VAL A 53 8.42 -2.49 -9.88
C VAL A 53 9.01 -3.25 -8.70
N TRP A 54 9.01 -2.61 -7.55
CA TRP A 54 9.43 -3.22 -6.31
C TRP A 54 8.32 -3.04 -5.27
N SER A 55 8.22 -3.95 -4.32
CA SER A 55 7.53 -3.60 -3.08
C SER A 55 8.57 -3.23 -2.02
N HIS A 56 8.11 -2.47 -1.03
CA HIS A 56 8.89 -2.18 0.16
C HIS A 56 8.17 -2.78 1.34
N ILE A 57 8.94 -3.30 2.30
CA ILE A 57 8.41 -4.01 3.46
C ILE A 57 9.10 -3.45 4.71
N ALA A 58 8.28 -3.12 5.70
CA ALA A 58 8.78 -2.62 6.98
C ALA A 58 7.92 -3.20 8.07
N THR A 59 8.34 -3.01 9.32
CA THR A 59 7.58 -3.51 10.44
CA THR A 59 7.66 -3.54 10.48
C THR A 59 7.37 -2.39 11.45
N GLN A 60 6.25 -2.48 12.15
CA GLN A 60 5.94 -1.46 13.15
C GLN A 60 5.16 -2.08 14.30
N SER A 61 5.29 -1.48 15.47
N SER A 61 5.26 -1.49 15.46
CA SER A 61 4.50 -1.82 16.65
CA SER A 61 4.46 -1.91 16.59
C SER A 61 3.25 -0.95 16.69
C SER A 61 3.27 -0.98 16.77
N PHE A 62 2.13 -1.58 17.07
CA PHE A 62 0.87 -0.87 17.24
C PHE A 62 0.09 -1.60 18.32
N ASP A 63 -0.30 -0.90 19.36
CA ASP A 63 -1.04 -1.50 20.46
C ASP A 63 -0.38 -2.77 20.97
N GLY A 64 0.95 -2.76 21.03
CA GLY A 64 1.64 -3.84 21.68
C GLY A 64 1.83 -5.09 20.87
N ALA A 65 1.64 -5.02 19.56
CA ALA A 65 1.97 -6.12 18.66
C ALA A 65 2.72 -5.57 17.45
N VAL A 66 3.49 -6.44 16.80
CA VAL A 66 4.31 -6.03 15.65
C VAL A 66 3.69 -6.58 14.38
N TYR A 67 3.66 -5.76 13.36
CA TYR A 67 3.04 -6.10 12.09
C TYR A 67 3.97 -5.71 10.95
N PRO A 68 3.97 -6.49 9.88
CA PRO A 68 4.62 -6.04 8.64
C PRO A 68 3.63 -5.19 7.83
N SER A 69 4.19 -4.49 6.85
N SER A 69 4.17 -4.39 6.92
CA SER A 69 3.41 -3.64 5.96
CA SER A 69 3.33 -3.71 5.95
C SER A 69 4.15 -3.45 4.66
C SER A 69 4.12 -3.44 4.68
N ASN A 70 3.38 -3.40 3.56
CA ASN A 70 3.93 -3.19 2.23
C ASN A 70 3.63 -1.80 1.70
N GLY A 71 4.50 -1.38 0.78
CA GLY A 71 4.22 -0.33 -0.18
C GLY A 71 4.80 -0.70 -1.54
N LEU A 72 4.79 0.25 -2.48
CA LEU A 72 5.22 0.00 -3.83
C LEU A 72 6.20 1.08 -4.31
N ILE A 73 7.09 0.71 -5.20
CA ILE A 73 7.99 1.64 -5.88
C ILE A 73 7.90 1.33 -7.35
N VAL A 74 7.70 2.35 -8.19
CA VAL A 74 7.56 2.16 -9.62
C VAL A 74 8.51 3.09 -10.35
N ARG A 75 9.35 2.52 -11.19
N ARG A 75 9.34 2.52 -11.21
CA ARG A 75 10.25 3.34 -11.99
CA ARG A 75 10.26 3.35 -11.98
C ARG A 75 9.44 4.24 -12.94
C ARG A 75 9.50 4.20 -12.99
N ASP A 76 9.85 5.51 -13.03
CA ASP A 76 9.18 6.58 -13.79
C ASP A 76 10.30 7.27 -14.57
N GLY A 77 10.81 6.60 -15.59
CA GLY A 77 11.98 7.06 -16.34
C GLY A 77 13.26 7.04 -15.53
N ASP A 78 13.85 8.21 -15.25
CA ASP A 78 14.98 8.25 -14.34
C ASP A 78 14.59 8.73 -12.96
N GLU A 79 13.31 8.69 -12.60
CA GLU A 79 12.80 8.97 -11.26
C GLU A 79 12.00 7.79 -10.78
N LEU A 80 11.58 7.87 -9.52
CA LEU A 80 10.74 6.87 -8.91
C LEU A 80 9.46 7.48 -8.36
N LEU A 81 8.37 6.73 -8.50
CA LEU A 81 7.10 6.99 -7.84
C LEU A 81 6.96 6.03 -6.67
N LEU A 82 6.70 6.58 -5.49
CA LEU A 82 6.48 5.79 -4.28
C LEU A 82 4.99 5.70 -4.00
N ILE A 83 4.54 4.49 -3.65
CA ILE A 83 3.18 4.28 -3.14
C ILE A 83 3.29 3.87 -1.68
N ASP A 84 2.77 4.71 -0.80
CA ASP A 84 2.68 4.52 0.64
C ASP A 84 4.02 4.66 1.36
N THR A 85 3.93 5.20 2.56
CA THR A 85 5.09 5.28 3.43
C THR A 85 5.41 3.89 4.00
N ALA A 86 6.47 3.83 4.80
CA ALA A 86 6.87 2.61 5.50
C ALA A 86 6.40 2.56 6.94
N TRP A 87 5.32 3.26 7.27
CA TRP A 87 4.67 3.17 8.58
C TRP A 87 5.54 3.78 9.67
N GLY A 88 5.78 5.09 9.55
CA GLY A 88 6.47 5.90 10.52
C GLY A 88 7.61 6.68 9.94
N ALA A 89 7.98 7.73 10.66
CA ALA A 89 9.05 8.63 10.24
C ALA A 89 10.38 7.91 10.11
N LYS A 90 10.81 7.21 11.17
N LYS A 90 10.80 7.18 11.15
CA LYS A 90 12.10 6.53 11.13
CA LYS A 90 12.10 6.54 11.09
C LYS A 90 12.11 5.44 10.07
C LYS A 90 12.12 5.43 10.05
N ASN A 91 11.04 4.65 9.98
CA ASN A 91 10.96 3.64 8.93
C ASN A 91 11.04 4.27 7.52
N THR A 92 10.39 5.43 7.33
CA THR A 92 10.36 6.06 6.01
C THR A 92 11.71 6.67 5.68
N ALA A 93 12.44 7.19 6.66
CA ALA A 93 13.83 7.58 6.41
C ALA A 93 14.66 6.38 5.99
N ALA A 94 14.47 5.25 6.67
CA ALA A 94 15.18 4.03 6.31
C ALA A 94 14.80 3.55 4.91
N LEU A 95 13.53 3.73 4.52
CA LEU A 95 13.09 3.40 3.18
C LEU A 95 13.84 4.20 2.14
N LEU A 96 13.94 5.52 2.34
CA LEU A 96 14.66 6.35 1.37
C LEU A 96 16.11 5.90 1.27
N ALA A 97 16.73 5.55 2.40
CA ALA A 97 18.12 5.10 2.35
C ALA A 97 18.25 3.77 1.61
N GLU A 98 17.31 2.86 1.85
CA GLU A 98 17.31 1.57 1.16
C GLU A 98 17.12 1.73 -0.35
N ILE A 99 16.26 2.66 -0.76
CA ILE A 99 16.08 2.92 -2.19
C ILE A 99 17.37 3.47 -2.79
N GLU A 100 18.03 4.38 -2.10
CA GLU A 100 19.28 4.92 -2.63
C GLU A 100 20.34 3.82 -2.76
N LYS A 101 20.39 2.91 -1.81
CA LYS A 101 21.34 1.81 -1.87
C LYS A 101 21.04 0.84 -3.01
N GLN A 102 19.78 0.44 -3.17
CA GLN A 102 19.40 -0.65 -4.04
C GLN A 102 19.06 -0.21 -5.45
N ILE A 103 18.57 1.00 -5.61
CA ILE A 103 18.06 1.48 -6.88
C ILE A 103 18.82 2.71 -7.38
N GLY A 104 19.02 3.69 -6.50
CA GLY A 104 19.85 4.82 -6.84
C GLY A 104 19.23 5.87 -7.73
N LEU A 105 17.92 5.91 -7.82
CA LEU A 105 17.17 6.93 -8.55
C LEU A 105 16.34 7.71 -7.54
N PRO A 106 16.09 8.99 -7.80
CA PRO A 106 15.40 9.82 -6.81
C PRO A 106 13.91 9.57 -6.78
N VAL A 107 13.36 9.50 -5.56
CA VAL A 107 11.92 9.47 -5.37
C VAL A 107 11.42 10.88 -5.52
N THR A 108 10.57 11.14 -6.49
CA THR A 108 10.09 12.51 -6.72
C THR A 108 8.65 12.73 -6.30
N ARG A 109 7.82 11.69 -6.27
CA ARG A 109 6.41 11.79 -5.93
C ARG A 109 6.04 10.59 -5.12
N ALA A 110 5.05 10.78 -4.25
CA ALA A 110 4.48 9.70 -3.47
C ALA A 110 2.97 9.85 -3.44
N VAL A 111 2.28 8.71 -3.46
CA VAL A 111 0.83 8.65 -3.29
C VAL A 111 0.55 7.77 -2.08
N SER A 112 -0.32 8.26 -1.20
CA SER A 112 -0.80 7.47 -0.08
C SER A 112 -2.20 6.95 -0.39
N THR A 113 -2.40 5.66 -0.16
CA THR A 113 -3.63 5.00 -0.64
C THR A 113 -4.77 4.98 0.37
N HIS A 114 -4.53 5.34 1.63
CA HIS A 114 -5.59 5.72 2.56
C HIS A 114 -4.95 6.48 3.70
N PHE A 115 -5.76 6.86 4.70
CA PHE A 115 -5.33 7.86 5.68
C PHE A 115 -4.62 7.31 6.92
N HIS A 116 -4.51 6.00 7.07
CA HIS A 116 -3.93 5.40 8.26
C HIS A 116 -2.41 5.57 8.27
N ASP A 117 -1.84 5.39 9.46
CA ASP A 117 -0.42 5.64 9.68
C ASP A 117 0.50 4.74 8.88
N ASP A 118 0.07 3.53 8.52
CA ASP A 118 0.85 2.66 7.65
C ASP A 118 0.93 3.16 6.22
N ARG A 119 0.19 4.20 5.88
CA ARG A 119 0.15 4.77 4.55
C ARG A 119 0.67 6.20 4.49
N VAL A 120 0.44 6.99 5.55
CA VAL A 120 0.83 8.39 5.60
C VAL A 120 1.88 8.67 6.65
N GLY A 121 2.14 7.76 7.60
CA GLY A 121 3.13 8.07 8.63
C GLY A 121 4.51 8.03 8.01
N GLY A 122 5.19 9.17 7.94
CA GLY A 122 6.36 9.31 7.12
C GLY A 122 6.22 10.35 6.04
N VAL A 123 5.02 10.85 5.79
CA VAL A 123 4.82 11.90 4.79
C VAL A 123 5.64 13.15 5.12
N ASP A 124 5.77 13.50 6.41
CA ASP A 124 6.56 14.68 6.75
C ASP A 124 8.04 14.47 6.38
N VAL A 125 8.58 13.26 6.67
CA VAL A 125 9.92 12.89 6.23
C VAL A 125 10.06 13.03 4.70
N LEU A 126 9.09 12.49 3.95
CA LEU A 126 9.15 12.57 2.49
C LEU A 126 9.17 14.00 2.03
N ARG A 127 8.28 14.81 2.60
N ARG A 127 8.26 14.81 2.56
CA ARG A 127 8.14 16.22 2.21
CA ARG A 127 8.17 16.20 2.12
C ARG A 127 9.40 17.02 2.47
C ARG A 127 9.48 16.94 2.37
N ALA A 128 10.12 16.71 3.53
CA ALA A 128 11.40 17.36 3.82
C ALA A 128 12.60 16.75 3.06
N ALA A 129 12.39 15.65 2.37
CA ALA A 129 13.38 15.08 1.47
C ALA A 129 13.11 15.45 0.01
N GLY A 130 12.22 16.41 -0.23
CA GLY A 130 11.93 16.89 -1.58
C GLY A 130 10.90 16.09 -2.36
N VAL A 131 10.25 15.13 -1.72
CA VAL A 131 9.22 14.35 -2.39
C VAL A 131 7.91 15.10 -2.36
N ALA A 132 7.24 15.21 -3.49
CA ALA A 132 5.90 15.75 -3.53
C ALA A 132 4.89 14.66 -3.16
N THR A 133 4.05 14.92 -2.16
CA THR A 133 3.16 13.92 -1.59
C THR A 133 1.72 14.21 -1.99
N TYR A 134 1.02 13.15 -2.35
CA TYR A 134 -0.32 13.22 -2.91
C TYR A 134 -1.26 12.23 -2.22
N ALA A 135 -2.54 12.58 -2.18
CA ALA A 135 -3.59 11.65 -1.76
C ALA A 135 -4.92 12.23 -2.20
N SER A 136 -5.97 11.42 -2.19
CA SER A 136 -7.28 11.97 -2.51
C SER A 136 -7.69 13.04 -1.49
N PRO A 137 -8.64 13.90 -1.85
CA PRO A 137 -9.15 14.84 -0.84
C PRO A 137 -9.79 14.11 0.31
N SER A 138 -10.42 12.98 0.08
N SER A 138 -10.46 12.98 0.07
CA SER A 138 -11.02 12.24 1.17
CA SER A 138 -11.02 12.20 1.18
C SER A 138 -9.95 11.74 2.15
C SER A 138 -9.93 11.77 2.15
N THR A 139 -8.86 11.20 1.62
CA THR A 139 -7.76 10.79 2.48
C THR A 139 -7.17 11.96 3.26
N ARG A 140 -6.98 13.09 2.58
CA ARG A 140 -6.42 14.25 3.27
C ARG A 140 -7.32 14.73 4.41
N ARG A 141 -8.64 14.75 4.19
N ARG A 141 -8.62 14.76 4.18
CA ARG A 141 -9.56 15.18 5.24
CA ARG A 141 -9.54 15.18 5.24
C ARG A 141 -9.56 14.21 6.42
C ARG A 141 -9.51 14.21 6.42
N LEU A 142 -9.50 12.91 6.14
CA LEU A 142 -9.52 11.92 7.21
C LEU A 142 -8.21 11.95 7.98
N ALA A 143 -7.10 12.08 7.28
CA ALA A 143 -5.81 12.18 7.98
C ALA A 143 -5.80 13.40 8.89
N GLU A 144 -6.22 14.55 8.37
CA GLU A 144 -6.23 15.76 9.18
C GLU A 144 -7.11 15.62 10.41
N ALA A 145 -8.31 15.05 10.22
CA ALA A 145 -9.24 14.94 11.33
C ALA A 145 -8.72 14.02 12.41
N GLU A 146 -8.02 12.97 12.01
CA GLU A 146 -7.55 11.99 12.98
C GLU A 146 -6.17 12.26 13.56
N GLY A 147 -5.46 13.27 13.09
CA GLY A 147 -4.16 13.61 13.61
C GLY A 147 -3.01 12.87 12.98
N ASN A 148 -3.20 12.35 11.76
CA ASN A 148 -2.12 11.69 11.03
C ASN A 148 -1.47 12.70 10.10
N GLU A 149 -0.31 12.33 9.57
CA GLU A 149 0.38 13.23 8.66
C GLU A 149 -0.41 13.39 7.37
N ILE A 150 -0.28 14.57 6.76
CA ILE A 150 -1.20 14.97 5.70
C ILE A 150 -0.42 15.17 4.40
N PRO A 151 -0.67 14.38 3.36
CA PRO A 151 -0.08 14.65 2.04
C PRO A 151 -0.40 16.06 1.57
N THR A 152 0.50 16.62 0.78
CA THR A 152 0.37 18.03 0.36
C THR A 152 -0.69 18.25 -0.71
N HIS A 153 -0.77 17.37 -1.69
CA HIS A 153 -1.51 17.62 -2.92
C HIS A 153 -2.71 16.70 -3.03
N SER A 154 -3.84 17.24 -3.46
CA SER A 154 -5.07 16.50 -3.62
C SER A 154 -5.16 15.87 -5.01
N LEU A 155 -5.60 14.61 -5.04
CA LEU A 155 -5.85 13.87 -6.27
C LEU A 155 -7.36 13.90 -6.57
N GLU A 156 -7.74 14.79 -7.48
CA GLU A 156 -9.12 14.88 -7.94
C GLU A 156 -9.41 13.76 -8.94
N GLY A 157 -10.68 13.59 -9.27
CA GLY A 157 -11.07 12.60 -10.23
C GLY A 157 -11.24 11.19 -9.73
N LEU A 158 -11.26 11.01 -8.41
CA LEU A 158 -11.32 9.72 -7.77
C LEU A 158 -12.47 9.60 -6.77
N SER A 159 -13.44 10.50 -6.83
CA SER A 159 -14.40 10.53 -5.74
C SER A 159 -15.57 9.58 -5.91
N SER A 160 -15.78 8.99 -7.07
N SER A 160 -15.79 9.00 -7.09
CA SER A 160 -16.88 8.05 -7.27
CA SER A 160 -16.87 8.06 -7.35
C SER A 160 -16.33 6.65 -7.52
C SER A 160 -16.29 6.66 -7.52
N SER A 161 -16.93 5.62 -6.93
N SER A 161 -16.98 5.65 -6.98
CA SER A 161 -16.44 4.26 -7.15
CA SER A 161 -16.53 4.28 -7.17
C SER A 161 -16.39 3.94 -8.65
C SER A 161 -16.41 3.96 -8.67
N GLY A 162 -15.31 3.28 -9.04
CA GLY A 162 -15.03 3.01 -10.44
C GLY A 162 -14.21 4.06 -11.13
N ASP A 163 -13.93 5.19 -10.47
CA ASP A 163 -13.11 6.23 -11.06
C ASP A 163 -11.66 5.79 -11.15
N ALA A 164 -11.00 6.28 -12.18
CA ALA A 164 -9.59 5.99 -12.40
C ALA A 164 -8.91 7.20 -13.02
N VAL A 165 -7.66 7.41 -12.64
CA VAL A 165 -6.84 8.49 -13.17
C VAL A 165 -5.42 7.96 -13.38
N ARG A 166 -4.71 8.54 -14.32
CA ARG A 166 -3.31 8.20 -14.51
C ARG A 166 -2.43 9.10 -13.65
N PHE A 167 -1.34 8.50 -13.17
CA PHE A 167 -0.37 9.18 -12.32
C PHE A 167 1.01 8.57 -12.65
N GLY A 168 1.76 9.24 -13.51
CA GLY A 168 3.01 8.67 -13.94
C GLY A 168 2.79 7.29 -14.54
N PRO A 169 3.60 6.33 -14.12
CA PRO A 169 3.53 4.97 -14.68
C PRO A 169 2.44 4.09 -14.10
N VAL A 170 1.51 4.65 -13.32
CA VAL A 170 0.44 3.86 -12.76
C VAL A 170 -0.92 4.45 -13.10
N GLU A 171 -1.93 3.61 -12.87
CA GLU A 171 -3.32 4.03 -12.80
C GLU A 171 -3.78 3.91 -11.35
N LEU A 172 -4.43 4.95 -10.86
CA LEU A 172 -5.06 4.95 -9.55
C LEU A 172 -6.54 4.69 -9.75
N PHE A 173 -7.12 3.84 -8.90
CA PHE A 173 -8.51 3.41 -9.03
C PHE A 173 -9.16 3.47 -7.66
N TYR A 174 -10.35 4.07 -7.60
CA TYR A 174 -11.13 4.07 -6.38
C TYR A 174 -12.22 3.01 -6.48
N PRO A 175 -12.12 1.91 -5.72
CA PRO A 175 -13.09 0.83 -5.91
C PRO A 175 -14.36 0.98 -5.12
N GLY A 176 -14.44 1.94 -4.22
CA GLY A 176 -15.47 2.01 -3.21
C GLY A 176 -14.92 1.67 -1.83
N ALA A 177 -15.77 1.86 -0.83
CA ALA A 177 -15.37 1.62 0.55
C ALA A 177 -15.04 0.14 0.77
N ALA A 178 -14.00 -0.12 1.57
CA ALA A 178 -13.60 -1.49 1.86
C ALA A 178 -12.92 -1.48 3.23
N HIS A 179 -11.61 -1.62 3.25
CA HIS A 179 -10.84 -1.45 4.49
C HIS A 179 -11.07 -0.08 5.10
N SER A 180 -11.20 0.92 4.27
CA SER A 180 -11.53 2.27 4.68
C SER A 180 -12.42 2.88 3.59
N THR A 181 -13.01 4.04 3.90
N THR A 181 -13.05 4.01 3.91
CA THR A 181 -13.89 4.60 2.88
CA THR A 181 -13.92 4.63 2.93
C THR A 181 -13.10 5.22 1.74
C THR A 181 -13.13 5.27 1.79
N ASP A 182 -11.86 5.59 2.01
CA ASP A 182 -11.02 6.32 1.07
C ASP A 182 -10.03 5.44 0.31
N ASN A 183 -9.98 4.14 0.55
CA ASN A 183 -8.90 3.32 0.00
C ASN A 183 -8.84 3.34 -1.52
N LEU A 184 -7.62 3.52 -2.02
CA LEU A 184 -7.32 3.47 -3.45
C LEU A 184 -6.51 2.23 -3.75
N VAL A 185 -6.59 1.82 -5.01
N VAL A 185 -6.65 1.74 -4.97
CA VAL A 185 -5.84 0.69 -5.57
CA VAL A 185 -5.76 0.71 -5.49
C VAL A 185 -4.96 1.26 -6.67
C VAL A 185 -4.95 1.28 -6.64
N VAL A 186 -3.85 0.59 -6.96
CA VAL A 186 -2.86 1.07 -7.93
C VAL A 186 -2.54 -0.05 -8.89
N TYR A 187 -2.59 0.23 -10.19
CA TYR A 187 -2.25 -0.74 -11.23
C TYR A 187 -1.06 -0.23 -12.02
N VAL A 188 -0.10 -1.13 -12.28
CA VAL A 188 1.07 -0.83 -13.09
C VAL A 188 0.85 -1.49 -14.45
N PRO A 189 0.35 -0.77 -15.46
CA PRO A 189 -0.04 -1.46 -16.70
C PRO A 189 1.13 -2.09 -17.41
N SER A 190 2.36 -1.57 -17.30
CA SER A 190 3.49 -2.14 -18.04
C SER A 190 3.81 -3.55 -17.57
N ALA A 191 3.40 -3.89 -16.37
CA ALA A 191 3.76 -5.16 -15.74
C ALA A 191 2.56 -5.96 -15.26
N ASN A 192 1.34 -5.45 -15.44
CA ASN A 192 0.14 -6.08 -14.93
C ASN A 192 0.22 -6.39 -13.45
N VAL A 193 0.74 -5.43 -12.70
CA VAL A 193 0.84 -5.54 -11.25
C VAL A 193 -0.28 -4.75 -10.61
N LEU A 194 -1.07 -5.41 -9.78
CA LEU A 194 -2.15 -4.79 -9.04
C LEU A 194 -1.74 -4.67 -7.57
N TYR A 195 -1.59 -3.46 -7.11
CA TYR A 195 -1.31 -3.16 -5.71
C TYR A 195 -2.64 -2.82 -5.05
N GLY A 196 -3.14 -3.77 -4.26
CA GLY A 196 -4.44 -3.57 -3.65
C GLY A 196 -4.44 -2.74 -2.40
N GLY A 197 -3.28 -2.49 -1.81
CA GLY A 197 -3.27 -1.86 -0.50
C GLY A 197 -4.11 -2.65 0.48
N CYS A 198 -4.61 -1.97 1.49
CA CYS A 198 -5.21 -2.68 2.62
C CYS A 198 -6.63 -3.16 2.33
N ALA A 199 -7.20 -2.80 1.17
CA ALA A 199 -8.43 -3.41 0.70
C ALA A 199 -8.24 -4.86 0.26
N VAL A 200 -7.00 -5.35 0.13
CA VAL A 200 -6.72 -6.71 -0.30
C VAL A 200 -5.85 -7.38 0.75
N HIS A 201 -6.26 -8.58 1.13
N HIS A 201 -6.26 -8.58 1.17
CA HIS A 201 -5.53 -9.39 2.10
CA HIS A 201 -5.56 -9.41 2.13
C HIS A 201 -4.78 -10.54 1.45
C HIS A 201 -4.73 -10.47 1.43
N GLU A 202 -3.72 -10.96 2.14
CA GLU A 202 -2.91 -12.08 1.69
C GLU A 202 -3.67 -13.39 1.85
N LEU A 203 -3.22 -14.41 1.10
CA LEU A 203 -3.89 -15.71 1.10
C LEU A 203 -3.93 -16.39 2.46
N SER A 204 -2.92 -16.21 3.31
CA SER A 204 -2.93 -16.86 4.63
C SER A 204 -3.87 -16.18 5.64
N SER A 205 -4.44 -15.03 5.30
N SER A 205 -4.40 -15.03 5.31
CA SER A 205 -5.24 -14.31 6.28
CA SER A 205 -5.20 -14.32 6.29
C SER A 205 -6.47 -15.11 6.72
C SER A 205 -6.44 -15.12 6.72
N THR A 206 -6.78 -15.03 8.01
CA THR A 206 -7.94 -15.66 8.62
C THR A 206 -8.98 -14.63 9.06
N SER A 207 -8.56 -13.40 9.18
CA SER A 207 -9.43 -12.35 9.61
C SER A 207 -9.20 -11.27 8.62
N ALA A 208 -10.08 -10.31 8.71
CA ALA A 208 -10.02 -9.17 7.83
C ALA A 208 -9.10 -8.08 8.36
N GLY A 209 -8.10 -8.42 9.19
CA GLY A 209 -7.13 -7.42 9.63
C GLY A 209 -7.73 -6.39 10.57
N ASN A 210 -7.26 -5.15 10.48
CA ASN A 210 -7.79 -4.11 11.34
C ASN A 210 -8.98 -3.49 10.66
N VAL A 211 -10.16 -3.77 11.19
CA VAL A 211 -11.41 -3.36 10.57
C VAL A 211 -11.98 -2.12 11.23
N ALA A 212 -11.22 -1.42 12.04
CA ALA A 212 -11.80 -0.31 12.81
C ALA A 212 -12.56 0.68 11.92
N ASP A 213 -12.02 0.98 10.75
CA ASP A 213 -12.59 2.00 9.87
C ASP A 213 -13.21 1.42 8.61
N ALA A 214 -13.49 0.12 8.61
CA ALA A 214 -13.90 -0.58 7.41
C ALA A 214 -15.42 -0.50 7.21
N ASP A 215 -15.84 -0.81 5.98
CA ASP A 215 -17.25 -1.01 5.64
C ASP A 215 -17.37 -2.46 5.15
N LEU A 216 -17.66 -3.39 6.08
CA LEU A 216 -17.68 -4.81 5.75
C LEU A 216 -18.79 -5.15 4.77
N ALA A 217 -19.90 -4.41 4.82
CA ALA A 217 -21.01 -4.63 3.91
C ALA A 217 -20.66 -4.26 2.47
N GLU A 218 -19.93 -3.18 2.26
CA GLU A 218 -19.57 -2.71 0.93
C GLU A 218 -18.31 -3.38 0.38
N TRP A 219 -17.45 -3.87 1.28
CA TRP A 219 -16.15 -4.39 0.85
C TRP A 219 -16.24 -5.42 -0.25
N PRO A 220 -17.11 -6.44 -0.19
N PRO A 220 -17.10 -6.45 -0.19
CA PRO A 220 -17.14 -7.40 -1.31
CA PRO A 220 -17.14 -7.40 -1.32
C PRO A 220 -17.53 -6.76 -2.63
C PRO A 220 -17.51 -6.74 -2.64
N THR A 221 -18.42 -5.77 -2.61
CA THR A 221 -18.79 -5.07 -3.84
C THR A 221 -17.61 -4.29 -4.40
N SER A 222 -16.84 -3.66 -3.52
CA SER A 222 -15.63 -2.96 -3.95
C SER A 222 -14.60 -3.90 -4.52
N VAL A 223 -14.42 -5.08 -3.93
CA VAL A 223 -13.50 -6.06 -4.50
C VAL A 223 -13.98 -6.54 -5.85
N GLU A 224 -15.30 -6.76 -6.00
N GLU A 224 -15.30 -6.76 -6.00
CA GLU A 224 -15.85 -7.13 -7.31
CA GLU A 224 -15.83 -7.14 -7.31
C GLU A 224 -15.51 -6.08 -8.37
C GLU A 224 -15.50 -6.09 -8.37
N ARG A 225 -15.53 -4.79 -7.99
CA ARG A 225 -15.18 -3.75 -8.97
C ARG A 225 -13.71 -3.89 -9.37
N ILE A 226 -12.84 -4.18 -8.40
CA ILE A 226 -11.44 -4.39 -8.73
C ILE A 226 -11.29 -5.56 -9.69
N GLN A 227 -11.91 -6.70 -9.36
CA GLN A 227 -11.84 -7.88 -10.20
C GLN A 227 -12.30 -7.59 -11.62
N LYS A 228 -13.38 -6.84 -11.76
CA LYS A 228 -13.89 -6.51 -13.09
C LYS A 228 -12.96 -5.59 -13.84
N HIS A 229 -12.35 -4.64 -13.14
CA HIS A 229 -11.57 -3.63 -13.84
C HIS A 229 -10.19 -4.13 -14.23
N TYR A 230 -9.61 -5.09 -13.49
CA TYR A 230 -8.23 -5.55 -13.71
C TYR A 230 -8.15 -7.07 -13.93
N PRO A 231 -8.82 -7.58 -14.95
CA PRO A 231 -8.86 -9.03 -15.18
C PRO A 231 -7.55 -9.61 -15.65
N GLU A 232 -6.62 -8.77 -16.12
N GLU A 232 -6.62 -8.78 -16.12
CA GLU A 232 -5.33 -9.25 -16.60
CA GLU A 232 -5.34 -9.26 -16.60
C GLU A 232 -4.22 -9.10 -15.56
C GLU A 232 -4.23 -9.12 -15.56
N ALA A 233 -4.56 -8.78 -14.33
CA ALA A 233 -3.51 -8.66 -13.31
C ALA A 233 -2.80 -10.00 -13.17
N GLU A 234 -1.47 -9.93 -13.09
CA GLU A 234 -0.62 -11.10 -12.90
C GLU A 234 -0.07 -11.27 -11.49
N VAL A 235 0.22 -10.16 -10.84
CA VAL A 235 0.66 -10.12 -9.46
C VAL A 235 -0.31 -9.21 -8.74
N VAL A 236 -0.75 -9.66 -7.57
CA VAL A 236 -1.58 -8.88 -6.68
C VAL A 236 -0.83 -8.74 -5.36
N ILE A 237 -0.66 -7.52 -4.89
CA ILE A 237 0.10 -7.22 -3.67
C ILE A 237 -0.87 -6.69 -2.62
N PRO A 238 -0.94 -7.31 -1.44
CA PRO A 238 -1.80 -6.83 -0.36
C PRO A 238 -1.11 -5.70 0.41
N GLY A 239 -1.88 -5.00 1.24
CA GLY A 239 -1.30 -3.98 2.08
C GLY A 239 -0.36 -4.51 3.14
N HIS A 240 -0.60 -5.76 3.56
CA HIS A 240 0.20 -6.46 4.55
C HIS A 240 0.33 -7.90 4.08
N GLY A 241 1.55 -8.42 4.05
CA GLY A 241 1.76 -9.85 3.75
C GLY A 241 2.21 -10.15 2.34
N LEU A 242 2.06 -11.39 1.95
CA LEU A 242 2.73 -11.91 0.76
C LEU A 242 1.93 -11.61 -0.51
N PRO A 243 2.59 -11.17 -1.58
CA PRO A 243 1.95 -11.12 -2.89
C PRO A 243 1.56 -12.50 -3.39
N GLY A 244 0.60 -12.48 -4.31
CA GLY A 244 0.20 -13.66 -5.03
C GLY A 244 -0.42 -13.29 -6.34
N GLY A 245 -1.40 -14.07 -6.79
CA GLY A 245 -2.11 -13.80 -8.01
C GLY A 245 -3.52 -13.26 -7.75
N LEU A 246 -4.38 -13.40 -8.76
CA LEU A 246 -5.75 -12.88 -8.66
C LEU A 246 -6.54 -13.51 -7.51
N ASP A 247 -6.18 -14.70 -7.05
CA ASP A 247 -6.92 -15.32 -5.97
C ASP A 247 -6.95 -14.49 -4.70
N LEU A 248 -5.99 -13.58 -4.51
CA LEU A 248 -6.07 -12.73 -3.33
C LEU A 248 -7.39 -11.98 -3.29
N LEU A 249 -7.90 -11.56 -4.45
CA LEU A 249 -9.13 -10.78 -4.45
C LEU A 249 -10.30 -11.61 -3.95
N GLN A 250 -10.50 -12.79 -4.52
CA GLN A 250 -11.61 -13.62 -4.04
C GLN A 250 -11.43 -14.02 -2.60
N HIS A 251 -10.20 -14.37 -2.19
CA HIS A 251 -9.94 -14.71 -0.80
C HIS A 251 -10.34 -13.56 0.13
N THR A 252 -10.01 -12.33 -0.28
CA THR A 252 -10.35 -11.18 0.54
C THR A 252 -11.86 -11.06 0.71
N ALA A 253 -12.60 -11.20 -0.39
CA ALA A 253 -14.05 -11.16 -0.31
C ALA A 253 -14.56 -12.23 0.63
N ASN A 254 -13.99 -13.44 0.54
CA ASN A 254 -14.41 -14.54 1.39
C ASN A 254 -14.17 -14.24 2.87
N VAL A 255 -12.98 -13.77 3.22
CA VAL A 255 -12.65 -13.53 4.64
C VAL A 255 -13.51 -12.40 5.20
N VAL A 256 -13.75 -11.38 4.38
CA VAL A 256 -14.55 -10.27 4.85
C VAL A 256 -15.98 -10.72 5.09
N LYS A 257 -16.58 -11.51 4.15
CA LYS A 257 -17.94 -12.00 4.33
C LYS A 257 -18.03 -12.86 5.59
N ALA A 258 -17.01 -13.67 5.83
CA ALA A 258 -17.03 -14.53 7.00
C ALA A 258 -16.84 -13.75 8.30
N HIS A 259 -15.98 -12.72 8.28
CA HIS A 259 -15.75 -11.89 9.47
C HIS A 259 -17.07 -11.25 9.87
N LYS A 260 -17.70 -10.60 8.89
CA LYS A 260 -19.01 -10.00 9.08
C LYS A 260 -20.03 -11.01 9.58
N ASN A 261 -20.14 -12.17 8.92
CA ASN A 261 -21.00 -13.26 9.39
C ASN A 261 -20.65 -13.57 10.86
ZN ZN B . -5.63 0.98 7.24
ZN ZN C . -3.19 -1.54 6.53
C10 YRT D . -3.99 -6.36 11.42
C10 YRT D . -3.74 -6.51 11.32
C11 YRT D . -3.97 -7.63 11.41
C11 YRT D . -3.55 -7.80 11.26
N13 YRT D . -3.40 -9.88 10.12
N13 YRT D . -2.66 -9.77 9.61
O16 YRT D . -2.55 -12.09 11.45
O16 YRT D . -2.68 -10.64 12.03
C17 YRT D . -0.58 -10.64 10.86
C17 YRT D . -4.83 -11.32 10.50
C18 YRT D . -0.24 -11.00 9.61
C18 YRT D . -5.31 -11.65 9.25
C21 YRT D . -3.13 -7.64 9.15
C21 YRT D . -2.76 -7.58 9.04
C24 YRT D . -4.17 -3.42 9.19
C24 YRT D . -4.12 -3.35 9.19
C25 YRT D . -4.82 -3.82 8.02
C25 YRT D . -4.77 -3.70 8.02
C31 YRT D . -4.84 1.50 12.83
C31 YRT D . -4.84 1.53 12.82
C34 YRT D . -7.70 2.98 13.84
C34 YRT D . -7.69 2.99 13.85
C35 YRT D . -7.52 3.85 15.15
C35 YRT D . -7.52 3.92 15.10
C37 YRT D . -6.70 3.28 12.93
C37 YRT D . -6.74 3.27 12.86
C39 YRT D . -5.94 0.48 10.90
C39 YRT D . -5.92 0.58 10.95
C01 YRT D . -2.15 1.57 11.28
C01 YRT D . -2.24 1.53 11.28
C02 YRT D . -3.25 0.48 10.99
C02 YRT D . -3.39 0.49 11.00
C03 YRT D . -2.97 -0.82 11.55
C03 YRT D . -3.12 -0.80 11.62
C04 YRT D . -2.41 -1.00 12.76
C04 YRT D . -2.62 -1.00 12.83
C05 YRT D . -2.13 -2.51 13.29
C05 YRT D . -2.30 -2.47 13.31
C06 YRT D . -2.47 -3.58 12.57
C06 YRT D . -2.57 -3.52 12.55
C07 YRT D . -3.13 -3.46 11.24
C07 YRT D . -3.16 -3.40 11.22
C08 YRT D . -3.61 -4.34 10.30
C08 YRT D . -3.60 -4.30 10.27
C09 YRT D . -3.60 -5.61 10.27
C09 YRT D . -3.50 -5.62 10.22
C12 YRT D . -3.52 -8.34 10.26
C12 YRT D . -3.04 -8.37 10.05
C20 YRT D . -0.10 -9.32 10.55
C20 YRT D . -5.32 -12.64 10.96
C23 YRT D . -3.16 -6.32 9.14
C23 YRT D . -2.96 -6.29 9.09
C29 YRT D . -3.38 -2.05 10.75
C29 YRT D . -3.43 -2.01 10.81
C32 YRT D . -6.45 1.77 12.87
C32 YRT D . -6.42 1.78 12.92
C33 YRT D . -7.25 1.59 13.88
C33 YRT D . -7.23 1.60 13.94
F22 YRT D . -2.72 -8.32 8.01
F22 YRT D . -2.27 -8.11 7.83
N28 YRT D . -3.96 -2.11 9.54
N28 YRT D . -3.92 -2.06 9.59
N30 YRT D . -4.58 0.92 11.63
N30 YRT D . -4.63 1.04 11.57
N36 YRT D . -9.14 3.55 16.07
N36 YRT D . -9.11 3.54 16.04
O15 YRT D . -2.73 -10.31 12.76
O15 YRT D . -2.29 -12.22 10.19
O19 YRT D . 0.20 -9.66 9.35
O19 YRT D . -5.67 -12.95 9.71
O26 YRT D . -5.46 -4.89 7.95
O26 YRT D . -5.70 -4.59 8.07
O27 YRT D . -4.86 -2.88 7.03
O27 YRT D . -4.62 -2.93 6.92
O38 YRT D . -6.95 1.03 11.69
O38 YRT D . -6.89 1.00 11.79
O40 YRT D . -6.00 -0.22 9.86
O40 YRT D . -6.03 -0.04 9.96
S14 YRT D . -2.25 -10.72 11.32
S14 YRT D . -3.10 -11.05 10.72
H101 YRT D . -4.35 -5.79 12.37
H101 YRT D . -4.12 -6.05 12.32
H111 YRT D . -4.35 -8.28 12.46
H111 YRT D . -3.81 -8.56 12.28
H131 YRT D . -3.96 -10.44 9.36
H131 YRT D . -2.13 -9.97 8.67
H171 YRT D . 0.03 -11.16 11.60
H171 YRT D . -5.38 -10.47 10.91
H181 YRT D . -1.20 -11.32 8.95
H181 YRT D . -4.42 -11.69 8.42
H182 YRT D . 0.66 -11.80 9.59
H182 YRT D . -6.26 -10.99 8.93
H312 YRT D . -4.52 0.77 13.74
H312 YRT D . -4.49 0.73 13.64
H311 YRT D . -4.24 2.55 12.93
H311 YRT D . -4.24 2.57 12.97
H341 YRT D . -8.91 3.02 13.39
H341 YRT D . -8.91 2.99 13.43
H351 YRT D . -7.37 5.14 14.84
H351 YRT D . -7.44 5.21 14.76
H352 YRT D . -6.47 3.44 15.86
H352 YRT D . -6.43 3.59 15.82
H372 YRT D . -5.65 4.01 13.46
H372 YRT D . -5.70 4.08 13.30
H371 YRT D . -7.19 3.80 11.74
H371 YRT D . -7.30 3.66 11.65
H012 YRT D . -1.05 1.18 10.82
H012 YRT D . -1.17 1.11 10.77
H011 YRT D . -2.04 1.74 12.52
H011 YRT D . -2.10 1.65 12.53
H013 YRT D . -2.48 2.65 10.73
H013 YRT D . -2.55 2.64 10.79
H021 YRT D . -3.28 0.38 9.85
H021 YRT D . -3.46 0.32 9.86
H041 YRT D . -2.14 -0.15 13.37
H041 YRT D . -2.44 -0.16 13.51
H051 YRT D . -1.65 -2.65 14.27
H051 YRT D . -1.84 -2.63 14.29
H061 YRT D . -2.29 -4.42 12.90
H061 YRT D . -2.37 -4.36 12.86
H202 YRT D . 1.00 -8.73 10.30
H202 YRT D . -6.42 -13.26 11.09
H201 YRT D . -0.44 -8.33 9.82
H201 YRT D . -4.99 -13.87 10.82
H231 YRT D . -2.86 -5.79 8.27
H231 YRT D . -2.70 -5.70 8.23
H331 YRT D . -7.87 1.07 13.69
H331 YRT D . -7.84 1.06 13.77
H332 YRT D . -6.85 1.41 14.58
H332 YRT D . -6.83 1.46 14.65
H281 YRT D . -4.14 -1.48 9.09
H281 YRT D . -4.08 -1.43 9.14
H362 YRT D . -10.07 3.51 15.29
H362 YRT D . -10.05 3.49 15.28
H361 YRT D . -9.08 2.50 16.67
H361 YRT D . -9.02 2.49 16.66
#